data_6ASF
#
_entry.id   6ASF
#
loop_
_entity.id
_entity.type
_entity.pdbx_description
1 polymer "DNA (5'-D(*CP*CP*AP*AP*GP*AP*TP*AP*G)-3')"
2 polymer "DNA (5'-D(*CP*TP*AP*TP*CP*TP*TP*GP*G)-3')"
#
loop_
_entity_poly.entity_id
_entity_poly.type
_entity_poly.pdbx_seq_one_letter_code
_entity_poly.pdbx_strand_id
1 'polydeoxyribonucleotide' (DC)(DC)(DA)(DA)(DG)(DA)(DT)(DA)(DG) A
2 'polydeoxyribonucleotide' (DC)(DT)(DA)(DT)(DC)(DT)(DT)(DG)(DG) B
#
loop_
_chem_comp.id
_chem_comp.type
_chem_comp.name
_chem_comp.formula
DA DNA linking 2'-DEOXYADENOSINE-5'-MONOPHOSPHATE 'C10 H14 N5 O6 P'
DC DNA linking 2'-DEOXYCYTIDINE-5'-MONOPHOSPHATE 'C9 H14 N3 O7 P'
DG DNA linking 2'-DEOXYGUANOSINE-5'-MONOPHOSPHATE 'C10 H14 N5 O7 P'
DT DNA linking THYMIDINE-5'-MONOPHOSPHATE 'C10 H15 N2 O8 P'
#